data_7Q80
#
_entry.id   7Q80
#
_cell.length_a   120.867
_cell.length_b   120.867
_cell.length_c   82.250
_cell.angle_alpha   90.000
_cell.angle_beta   90.000
_cell.angle_gamma   90.000
#
_symmetry.space_group_name_H-M   'P 41 2 2'
#
loop_
_entity.id
_entity.type
_entity.pdbx_description
1 polymer 'RNA 1'
2 polymer 'RNA 2'
3 polymer 'RNA 3'
4 non-polymer 'SODIUM ION'
5 non-polymer GUANINE
#
loop_
_entity_poly.entity_id
_entity_poly.type
_entity_poly.pdbx_seq_one_letter_code
_entity_poly.pdbx_strand_id
1 'polyribonucleotide' CCACUG(1MA)GAGCUUC A,D
2 'polyribonucleotide' GGAAGCUCUGACCGACCCCCAGCC B,E
3 'polyribonucleotide' GCUGGGACAACUAGACAUACAGUG C,F
#
loop_
_chem_comp.id
_chem_comp.type
_chem_comp.name
_chem_comp.formula
1MA RNA linking 6-HYDRO-1-METHYLADENOSINE-5'-MONOPHOSPHATE 'C11 H16 N5 O7 P'
A RNA linking ADENOSINE-5'-MONOPHOSPHATE 'C10 H14 N5 O7 P'
C RNA linking CYTIDINE-5'-MONOPHOSPHATE 'C9 H14 N3 O8 P'
G RNA linking GUANOSINE-5'-MONOPHOSPHATE 'C10 H14 N5 O8 P'
GUN non-polymer GUANINE 'C5 H5 N5 O'
NA non-polymer 'SODIUM ION' 'Na 1'
U RNA linking URIDINE-5'-MONOPHOSPHATE 'C9 H13 N2 O9 P'
#
# COMPACT_ATOMS: atom_id res chain seq x y z
P 1MA A 7 -15.07 4.46 18.50
OP1 1MA A 7 -16.05 4.03 19.59
OP2 1MA A 7 -13.59 4.11 18.61
O5' 1MA A 7 -15.61 3.90 17.11
C5' 1MA A 7 -16.90 4.25 16.63
C4' 1MA A 7 -17.62 3.06 16.04
O4' 1MA A 7 -17.02 2.73 14.76
C3' 1MA A 7 -17.56 1.78 16.88
O3' 1MA A 7 -18.77 1.04 16.70
C2' 1MA A 7 -16.40 1.02 16.24
O2' 1MA A 7 -16.43 -0.38 16.44
C1' 1MA A 7 -16.57 1.39 14.77
N9 1MA A 7 -15.35 1.32 13.97
C8 1MA A 7 -14.08 1.06 14.41
N7 1MA A 7 -13.20 1.07 13.43
C5 1MA A 7 -13.94 1.34 12.31
C6 1MA A 7 -13.51 1.47 10.94
N6 1MA A 7 -12.31 1.36 10.54
N1 1MA A 7 -14.61 1.77 10.09
CM1 1MA A 7 -14.35 1.94 8.68
C2 1MA A 7 -15.88 1.90 10.55
N3 1MA A 7 -16.27 1.78 11.77
C4 1MA A 7 -15.26 1.50 12.62
P 1MA D 7 14.50 -6.65 -17.83
OP1 1MA D 7 15.37 -7.84 -18.23
OP2 1MA D 7 13.11 -6.90 -17.25
O5' 1MA D 7 15.31 -5.77 -16.78
C5' 1MA D 7 16.64 -5.34 -17.06
C4' 1MA D 7 17.53 -5.46 -15.86
O4' 1MA D 7 17.14 -4.46 -14.87
C3' 1MA D 7 17.47 -6.81 -15.15
O3' 1MA D 7 18.77 -7.18 -14.69
C2' 1MA D 7 16.55 -6.55 -13.96
O2' 1MA D 7 16.78 -7.39 -12.84
C1' 1MA D 7 16.86 -5.09 -13.64
N9 1MA D 7 15.73 -4.37 -13.03
C8 1MA D 7 14.42 -4.75 -13.05
N7 1MA D 7 13.64 -3.91 -12.42
C5 1MA D 7 14.48 -2.94 -11.96
C6 1MA D 7 14.18 -1.75 -11.20
N6 1MA D 7 13.01 -1.43 -10.82
N1 1MA D 7 15.36 -1.01 -10.94
CM1 1MA D 7 15.22 0.22 -10.18
C2 1MA D 7 16.59 -1.39 -11.36
N3 1MA D 7 16.87 -2.46 -12.05
C4 1MA D 7 15.78 -3.20 -12.33
NA NA G . -17.13 -1.98 18.26
N9 GUN H . -8.89 2.03 6.70
C8 GUN H . -9.56 1.75 7.84
N7 GUN H . -10.85 1.53 7.51
C5 GUN H . -10.98 1.67 6.19
C6 GUN H . -12.19 1.56 5.26
O6 GUN H . -13.25 1.29 5.69
N1 GUN H . -12.03 1.77 3.85
C2 GUN H . -10.73 2.10 3.32
N2 GUN H . -10.56 2.32 1.90
N3 GUN H . -9.58 2.21 4.22
C4 GUN H . -9.76 1.99 5.69
N9 GUN I . 9.99 1.90 -8.43
C8 GUN I . 10.68 0.84 -8.90
N7 GUN I . 11.97 1.18 -8.98
C5 GUN I . 12.09 2.44 -8.56
C6 GUN I . 13.31 3.38 -8.42
O6 GUN I . 14.39 2.99 -8.71
N1 GUN I . 13.13 4.70 -7.94
C2 GUN I . 11.82 5.17 -7.58
N2 GUN I . 11.64 6.52 -7.08
N3 GUN I . 10.67 4.28 -7.71
C4 GUN I . 10.85 2.89 -8.22
#